data_7UFV
#
_entry.id   7UFV
#
_cell.length_a   49.140
_cell.length_b   87.875
_cell.length_c   73.807
_cell.angle_alpha   90.00
_cell.angle_beta   98.54
_cell.angle_gamma   90.00
#
_symmetry.space_group_name_H-M   'P 1 21 1'
#
loop_
_entity.id
_entity.type
_entity.pdbx_description
1 polymer 'DDB1- and CUL4-associated factor 1'
2 non-polymer (3P)-N-[(1S)-3-amino-1-(3-chlorophenyl)-3-oxopropyl]-3-(2-fluorophenyl)-1H-pyrazole-4-carboxamide
3 non-polymer 'UNKNOWN ATOM OR ION'
4 water water
#
_entity_poly.entity_id   1
_entity_poly.type   'polypeptide(L)'
_entity_poly.pdbx_seq_one_letter_code
;GASAFRPISVFREANEDESGFTCCAFSARERFLMLGTCTGQLKLYNVFSGQEEASYNCHNSAITHLEPSRDGSLLLTSAT
WSQPLSALWGMKSVFDMKHSFTEDHYVEFSKHSQDRVIGTKGDIAHIYDIQTGNKLLTLFNPDLANNYKRNCATFNPTDD
LVLNDGVLWDVRSAQAIHKFDKFNMNISGVFHPNGLEVIINTEIWDLRTFHLLHTVPALDQCRVVFNHTGTVMYGAMLQA
DDEDDLMEERMKSPFGSSFRTFNATDYKPIATIDVKRNIFDLCTDTKDCYLAVIENQGSMDALNMDTVCRLYEVG
;
_entity_poly.pdbx_strand_id   A,B
#
loop_
_chem_comp.id
_chem_comp.type
_chem_comp.name
_chem_comp.formula
N6O non-polymer (3P)-N-[(1S)-3-amino-1-(3-chlorophenyl)-3-oxopropyl]-3-(2-fluorophenyl)-1H-pyrazole-4-carboxamide 'C19 H16 Cl F N4 O2'
UNX non-polymer 'UNKNOWN ATOM OR ION' ?
#
# COMPACT_ATOMS: atom_id res chain seq x y z
N ALA A 4 -17.36 -1.59 -0.08
CA ALA A 4 -17.95 -2.00 -1.39
C ALA A 4 -16.94 -1.72 -2.52
N PHE A 5 -17.32 -2.05 -3.75
CA PHE A 5 -16.66 -1.59 -5.00
C PHE A 5 -17.56 -0.53 -5.65
N ARG A 6 -17.35 0.73 -5.27
CA ARG A 6 -18.13 1.89 -5.77
C ARG A 6 -17.60 2.25 -7.16
N PRO A 7 -18.42 2.17 -8.24
CA PRO A 7 -17.99 2.62 -9.55
C PRO A 7 -17.59 4.10 -9.51
N ILE A 8 -16.43 4.42 -10.06
CA ILE A 8 -15.84 5.79 -10.08
C ILE A 8 -15.99 6.35 -11.49
N SER A 9 -15.61 5.55 -12.51
CA SER A 9 -15.62 6.01 -13.91
C SER A 9 -15.61 4.83 -14.87
N VAL A 10 -15.91 5.14 -16.12
CA VAL A 10 -15.93 4.17 -17.24
C VAL A 10 -15.36 4.90 -18.46
N PHE A 11 -14.61 4.19 -19.29
CA PHE A 11 -14.21 4.69 -20.61
C PHE A 11 -14.01 3.53 -21.57
N ARG A 12 -14.03 3.89 -22.85
CA ARG A 12 -13.88 2.97 -23.99
C ARG A 12 -12.69 3.47 -24.79
N GLU A 13 -12.24 2.66 -25.75
CA GLU A 13 -11.11 2.98 -26.66
C GLU A 13 -11.56 4.11 -27.59
N ALA A 14 -10.92 5.28 -27.48
CA ALA A 14 -11.31 6.56 -28.13
C ALA A 14 -11.38 6.38 -29.65
N ASN A 15 -12.45 6.90 -30.27
CA ASN A 15 -12.64 6.99 -31.76
C ASN A 15 -13.18 5.67 -32.31
N GLU A 16 -12.69 4.53 -31.81
CA GLU A 16 -12.99 3.16 -32.34
C GLU A 16 -14.51 2.90 -32.32
N ASP A 17 -15.08 2.51 -33.47
CA ASP A 17 -16.49 2.07 -33.60
C ASP A 17 -16.77 0.97 -32.56
N GLU A 18 -15.87 -0.02 -32.47
CA GLU A 18 -15.94 -1.14 -31.50
C GLU A 18 -14.69 -1.08 -30.62
N SER A 19 -14.86 -0.81 -29.32
CA SER A 19 -13.77 -0.65 -28.32
C SER A 19 -13.11 -2.02 -28.06
N GLY A 20 -11.78 -2.09 -28.15
CA GLY A 20 -11.01 -3.35 -28.23
C GLY A 20 -10.07 -3.55 -27.05
N PHE A 21 -10.35 -2.93 -25.89
CA PHE A 21 -9.58 -3.16 -24.64
C PHE A 21 -9.64 -4.65 -24.29
N THR A 22 -8.49 -5.28 -24.04
CA THR A 22 -8.38 -6.74 -23.70
C THR A 22 -7.74 -6.95 -22.33
N CYS A 23 -6.90 -6.04 -21.87
CA CYS A 23 -6.13 -6.22 -20.62
C CYS A 23 -5.69 -4.86 -20.11
N CYS A 24 -5.30 -4.78 -18.85
CA CYS A 24 -4.88 -3.49 -18.24
C CYS A 24 -3.84 -3.70 -17.15
N ALA A 25 -3.06 -2.67 -16.88
CA ALA A 25 -2.18 -2.56 -15.70
C ALA A 25 -1.96 -1.09 -15.37
N PHE A 26 -1.98 -0.73 -14.10
CA PHE A 26 -1.63 0.64 -13.67
C PHE A 26 -0.15 0.86 -13.93
N SER A 27 0.22 2.03 -14.47
CA SER A 27 1.65 2.40 -14.70
C SER A 27 2.24 2.90 -13.38
N ALA A 28 3.53 3.23 -13.37
CA ALA A 28 4.21 3.95 -12.27
C ALA A 28 3.50 5.29 -12.06
N ARG A 29 3.20 6.00 -13.16
CA ARG A 29 2.56 7.34 -13.16
C ARG A 29 1.12 7.22 -12.63
N GLU A 30 0.82 7.92 -11.53
CA GLU A 30 -0.50 7.91 -10.85
C GLU A 30 -1.58 8.46 -11.81
N ARG A 31 -2.75 7.82 -11.83
CA ARG A 31 -3.93 8.24 -12.65
C ARG A 31 -3.76 7.80 -14.12
N PHE A 32 -2.72 7.02 -14.44
CA PHE A 32 -2.44 6.50 -15.81
C PHE A 32 -2.52 4.97 -15.85
N LEU A 33 -3.40 4.47 -16.71
CA LEU A 33 -3.62 3.02 -16.92
C LEU A 33 -3.07 2.65 -18.30
N MET A 34 -2.41 1.50 -18.39
CA MET A 34 -2.00 0.88 -19.67
C MET A 34 -3.04 -0.18 -20.05
N LEU A 35 -3.49 -0.16 -21.30
CA LEU A 35 -4.47 -1.13 -21.85
C LEU A 35 -3.93 -1.72 -23.16
N GLY A 36 -3.98 -3.04 -23.27
CA GLY A 36 -3.83 -3.76 -24.55
C GLY A 36 -5.14 -3.79 -25.29
N THR A 37 -5.09 -3.89 -26.61
CA THR A 37 -6.28 -3.93 -27.51
C THR A 37 -6.25 -5.23 -28.33
N CYS A 38 -7.38 -5.54 -28.97
CA CYS A 38 -7.56 -6.75 -29.81
C CYS A 38 -6.78 -6.58 -31.13
N THR A 39 -6.22 -5.41 -31.39
CA THR A 39 -5.43 -5.12 -32.62
C THR A 39 -3.94 -5.04 -32.29
N GLY A 40 -3.56 -5.27 -31.03
CA GLY A 40 -2.15 -5.44 -30.63
C GLY A 40 -1.50 -4.13 -30.26
N GLN A 41 -2.30 -3.11 -29.95
CA GLN A 41 -1.81 -1.77 -29.51
C GLN A 41 -1.76 -1.73 -27.98
N LEU A 42 -0.77 -1.01 -27.46
CA LEU A 42 -0.72 -0.54 -26.07
C LEU A 42 -1.23 0.90 -26.03
N LYS A 43 -2.24 1.16 -25.21
CA LYS A 43 -2.77 2.52 -24.94
C LYS A 43 -2.42 2.96 -23.51
N LEU A 44 -2.09 4.22 -23.33
CA LEU A 44 -1.93 4.88 -22.02
C LEU A 44 -3.11 5.83 -21.85
N TYR A 45 -3.96 5.58 -20.84
CA TYR A 45 -5.20 6.36 -20.57
C TYR A 45 -5.08 7.07 -19.23
N ASN A 46 -5.60 8.28 -19.14
CA ASN A 46 -5.98 8.93 -17.85
C ASN A 46 -7.26 8.26 -17.33
N VAL A 47 -7.20 7.59 -16.17
CA VAL A 47 -8.30 6.71 -15.65
C VAL A 47 -9.51 7.53 -15.21
N PHE A 48 -9.31 8.82 -14.91
CA PHE A 48 -10.37 9.68 -14.30
C PHE A 48 -11.09 10.47 -15.39
N SER A 49 -10.34 11.00 -16.38
CA SER A 49 -10.91 11.71 -17.55
C SER A 49 -11.40 10.72 -18.62
N GLY A 50 -10.80 9.51 -18.66
CA GLY A 50 -11.10 8.52 -19.72
C GLY A 50 -10.50 8.91 -21.05
N GLN A 51 -9.52 9.83 -21.05
CA GLN A 51 -8.89 10.35 -22.30
C GLN A 51 -7.62 9.54 -22.58
N GLU A 52 -7.41 9.16 -23.84
CA GLU A 52 -6.14 8.54 -24.30
C GLU A 52 -5.03 9.61 -24.28
N GLU A 53 -3.83 9.26 -23.79
CA GLU A 53 -2.61 10.11 -23.81
C GLU A 53 -1.63 9.61 -24.90
N ALA A 54 -1.40 8.29 -24.99
CA ALA A 54 -0.40 7.70 -25.92
C ALA A 54 -0.85 6.33 -26.43
N SER A 55 -0.48 6.01 -27.67
CA SER A 55 -0.74 4.72 -28.34
C SER A 55 0.56 4.21 -28.98
N TYR A 56 0.80 2.90 -28.88
CA TYR A 56 2.01 2.21 -29.40
C TYR A 56 1.59 0.89 -30.03
N ASN A 57 2.24 0.55 -31.15
CA ASN A 57 2.00 -0.69 -31.92
C ASN A 57 2.97 -1.76 -31.38
N CYS A 58 2.43 -2.83 -30.79
CA CYS A 58 3.22 -3.91 -30.14
C CYS A 58 3.18 -5.20 -30.95
N HIS A 59 1.99 -5.72 -31.23
CA HIS A 59 1.79 -7.05 -31.87
C HIS A 59 0.75 -6.90 -33.00
N ASN A 60 0.74 -7.85 -33.94
CA ASN A 60 -0.22 -7.88 -35.07
C ASN A 60 -1.41 -8.78 -34.72
N SER A 61 -1.65 -9.02 -33.43
CA SER A 61 -2.83 -9.76 -32.91
C SER A 61 -3.17 -9.28 -31.50
N ALA A 62 -4.36 -9.66 -31.00
CA ALA A 62 -4.92 -9.21 -29.71
C ALA A 62 -3.89 -9.39 -28.59
N ILE A 63 -3.67 -8.35 -27.78
CA ILE A 63 -2.92 -8.47 -26.49
C ILE A 63 -3.82 -9.24 -25.53
N THR A 64 -3.28 -10.25 -24.86
CA THR A 64 -4.03 -11.10 -23.88
C THR A 64 -3.72 -10.66 -22.46
N HIS A 65 -2.48 -10.22 -22.21
CA HIS A 65 -1.93 -9.96 -20.86
C HIS A 65 -0.72 -9.05 -20.98
N LEU A 66 -0.53 -8.17 -20.00
CA LEU A 66 0.69 -7.33 -19.91
C LEU A 66 1.04 -7.15 -18.45
N GLU A 67 2.31 -6.81 -18.21
CA GLU A 67 2.88 -6.59 -16.85
C GLU A 67 3.97 -5.54 -17.00
N PRO A 68 3.82 -4.37 -16.31
CA PRO A 68 4.90 -3.41 -16.21
C PRO A 68 5.85 -3.83 -15.09
N SER A 69 7.13 -3.49 -15.20
CA SER A 69 8.12 -3.62 -14.10
C SER A 69 7.79 -2.57 -13.04
N ARG A 70 8.07 -2.84 -11.76
CA ARG A 70 7.84 -1.89 -10.64
C ARG A 70 8.55 -0.55 -10.90
N ASP A 71 9.73 -0.57 -11.52
CA ASP A 71 10.57 0.64 -11.75
C ASP A 71 10.01 1.46 -12.92
N GLY A 72 9.02 0.93 -13.64
CA GLY A 72 8.34 1.64 -14.74
C GLY A 72 9.20 1.75 -15.99
N SER A 73 10.33 1.03 -16.06
CA SER A 73 11.26 1.06 -17.22
C SER A 73 10.89 0.01 -18.26
N LEU A 74 10.20 -1.07 -17.86
CA LEU A 74 10.00 -2.25 -18.75
C LEU A 74 8.53 -2.70 -18.73
N LEU A 75 8.11 -3.32 -19.83
CA LEU A 75 6.76 -3.87 -19.99
C LEU A 75 6.86 -5.20 -20.72
N LEU A 76 6.21 -6.24 -20.19
CA LEU A 76 5.98 -7.52 -20.88
C LEU A 76 4.58 -7.48 -21.50
N THR A 77 4.46 -7.94 -22.75
CA THR A 77 3.17 -8.16 -23.44
C THR A 77 3.11 -9.60 -23.94
N SER A 78 1.91 -10.17 -24.03
CA SER A 78 1.66 -11.45 -24.74
C SER A 78 0.51 -11.22 -25.72
N ALA A 79 0.57 -11.86 -26.89
CA ALA A 79 -0.46 -11.76 -27.95
C ALA A 79 -1.04 -13.16 -28.20
N THR A 80 -1.93 -13.27 -29.19
CA THR A 80 -2.75 -14.47 -29.46
C THR A 80 -2.06 -15.31 -30.54
N TRP A 81 -1.94 -14.77 -31.76
CA TRP A 81 -1.53 -15.51 -32.98
C TRP A 81 -0.30 -14.85 -33.63
N SER A 82 0.25 -13.81 -32.99
CA SER A 82 1.48 -13.12 -33.44
C SER A 82 2.67 -14.07 -33.27
N GLN A 83 3.78 -13.79 -33.96
CA GLN A 83 5.13 -14.35 -33.68
C GLN A 83 6.12 -13.21 -33.81
N PRO A 84 6.72 -12.71 -32.71
CA PRO A 84 6.69 -13.37 -31.41
C PRO A 84 5.34 -13.27 -30.67
N LEU A 85 5.08 -14.19 -29.76
CA LEU A 85 3.84 -14.26 -28.96
C LEU A 85 3.95 -13.31 -27.77
N SER A 86 5.15 -13.18 -27.19
CA SER A 86 5.42 -12.31 -26.04
C SER A 86 6.71 -11.52 -26.28
N ALA A 87 6.85 -10.35 -25.63
CA ALA A 87 7.97 -9.41 -25.81
C ALA A 87 8.17 -8.56 -24.58
N LEU A 88 9.38 -8.01 -24.47
CA LEU A 88 9.80 -7.04 -23.44
C LEU A 88 10.03 -5.71 -24.15
N TRP A 89 9.47 -4.62 -23.60
CA TRP A 89 9.49 -3.25 -24.19
C TRP A 89 10.17 -2.30 -23.21
N GLY A 90 11.03 -1.43 -23.74
CA GLY A 90 11.53 -0.23 -23.04
C GLY A 90 10.49 0.86 -23.00
N MET A 91 10.18 1.36 -21.80
CA MET A 91 9.15 2.39 -21.55
C MET A 91 9.83 3.68 -21.05
N LYS A 92 11.06 3.96 -21.50
CA LYS A 92 11.94 5.01 -20.91
C LYS A 92 11.95 6.22 -21.85
N SER A 93 12.77 6.19 -22.91
CA SER A 93 12.93 7.29 -23.91
C SER A 93 12.00 7.03 -25.09
N VAL A 94 12.46 6.23 -26.07
CA VAL A 94 11.62 5.66 -27.17
C VAL A 94 10.96 4.40 -26.62
N PHE A 95 9.71 4.13 -27.03
CA PHE A 95 9.02 2.83 -26.80
C PHE A 95 9.52 1.81 -27.83
N ASP A 96 10.38 0.89 -27.39
CA ASP A 96 11.15 -0.02 -28.27
C ASP A 96 11.15 -1.43 -27.68
N MET A 97 11.07 -2.46 -28.54
CA MET A 97 11.23 -3.87 -28.14
C MET A 97 12.69 -4.13 -27.74
N LYS A 98 12.91 -4.47 -26.47
CA LYS A 98 14.21 -4.98 -25.96
C LYS A 98 14.42 -6.39 -26.52
N HIS A 99 13.57 -7.35 -26.13
CA HIS A 99 13.67 -8.77 -26.53
C HIS A 99 12.27 -9.32 -26.83
N SER A 100 12.20 -10.47 -27.51
CA SER A 100 10.97 -11.25 -27.76
C SER A 100 11.19 -12.70 -27.31
N PHE A 101 10.12 -13.48 -27.11
CA PHE A 101 10.17 -14.79 -26.41
C PHE A 101 9.50 -15.88 -27.24
N THR A 102 9.63 -15.80 -28.57
CA THR A 102 9.28 -16.85 -29.55
C THR A 102 7.84 -17.32 -29.32
N GLU A 103 7.64 -18.55 -28.83
CA GLU A 103 6.32 -19.23 -28.75
C GLU A 103 5.74 -19.16 -27.32
N ASP A 104 6.35 -18.39 -26.41
CA ASP A 104 5.87 -18.21 -25.01
C ASP A 104 4.58 -17.36 -25.03
N HIS A 105 3.45 -17.94 -24.64
CA HIS A 105 2.10 -17.31 -24.73
C HIS A 105 1.79 -16.55 -23.42
N TYR A 106 2.60 -16.75 -22.39
CA TYR A 106 2.49 -16.06 -21.08
C TYR A 106 3.88 -15.79 -20.56
N VAL A 107 4.11 -14.61 -20.00
CA VAL A 107 5.39 -14.17 -19.40
C VAL A 107 5.11 -13.35 -18.15
N GLU A 108 5.99 -13.47 -17.15
CA GLU A 108 6.01 -12.64 -15.91
C GLU A 108 7.46 -12.22 -15.67
N PHE A 109 7.66 -11.16 -14.89
CA PHE A 109 8.96 -10.79 -14.30
C PHE A 109 9.20 -11.65 -13.08
N SER A 110 10.47 -11.82 -12.69
CA SER A 110 10.90 -12.23 -11.33
C SER A 110 10.38 -11.19 -10.34
N LYS A 111 10.30 -11.54 -9.06
CA LYS A 111 9.48 -10.79 -8.07
C LYS A 111 10.36 -9.90 -7.18
N HIS A 112 11.40 -10.45 -6.53
CA HIS A 112 12.25 -9.71 -5.56
C HIS A 112 13.07 -8.68 -6.31
N SER A 113 13.80 -9.13 -7.33
CA SER A 113 14.60 -8.32 -8.27
C SER A 113 14.17 -8.70 -9.69
N GLN A 114 13.74 -7.72 -10.48
CA GLN A 114 13.08 -7.96 -11.78
C GLN A 114 14.17 -7.99 -12.86
N ASP A 115 15.08 -8.97 -12.79
CA ASP A 115 16.24 -9.10 -13.70
C ASP A 115 16.02 -10.26 -14.68
N ARG A 116 14.91 -10.98 -14.54
CA ARG A 116 14.59 -12.15 -15.39
C ARG A 116 13.11 -12.17 -15.75
N VAL A 117 12.82 -12.86 -16.84
CA VAL A 117 11.46 -13.11 -17.36
C VAL A 117 11.26 -14.62 -17.35
N ILE A 118 10.12 -15.08 -16.86
CA ILE A 118 9.72 -16.51 -16.97
C ILE A 118 8.55 -16.60 -17.94
N GLY A 119 8.74 -17.35 -19.01
CA GLY A 119 7.72 -17.60 -20.02
C GLY A 119 7.19 -18.99 -19.93
N THR A 120 5.94 -19.20 -20.31
CA THR A 120 5.29 -20.53 -20.38
C THR A 120 4.93 -20.83 -21.84
N LYS A 121 5.31 -22.01 -22.32
CA LYS A 121 4.76 -22.63 -23.56
C LYS A 121 4.22 -24.00 -23.19
N GLY A 122 2.89 -24.15 -23.20
CA GLY A 122 2.17 -25.35 -22.70
C GLY A 122 2.64 -25.72 -21.30
N ASP A 123 3.34 -26.84 -21.17
CA ASP A 123 3.78 -27.43 -19.87
C ASP A 123 5.22 -27.01 -19.60
N ILE A 124 5.85 -26.28 -20.51
CA ILE A 124 7.29 -25.92 -20.43
C ILE A 124 7.44 -24.50 -19.91
N ALA A 125 8.38 -24.28 -18.98
CA ALA A 125 8.77 -22.94 -18.50
C ALA A 125 10.14 -22.59 -19.05
N HIS A 126 10.30 -21.35 -19.53
CA HIS A 126 11.59 -20.77 -19.97
C HIS A 126 11.92 -19.57 -19.08
N ILE A 127 13.13 -19.54 -18.55
CA ILE A 127 13.69 -18.37 -17.81
C ILE A 127 14.68 -17.65 -18.74
N TYR A 128 14.44 -16.35 -18.97
CA TYR A 128 15.32 -15.45 -19.77
C TYR A 128 15.95 -14.40 -18.86
N ASP A 129 17.16 -13.96 -19.21
CA ASP A 129 17.86 -12.80 -18.63
C ASP A 129 17.35 -11.55 -19.35
N ILE A 130 17.03 -10.49 -18.62
CA ILE A 130 16.46 -9.23 -19.19
C ILE A 130 17.54 -8.54 -20.04
N GLN A 131 18.77 -8.41 -19.51
CA GLN A 131 19.87 -7.62 -20.15
C GLN A 131 20.26 -8.25 -21.50
N THR A 132 20.50 -9.56 -21.53
CA THR A 132 20.95 -10.31 -22.73
C THR A 132 19.74 -10.88 -23.50
N GLY A 133 18.66 -11.24 -22.80
CA GLY A 133 17.49 -11.89 -23.42
C GLY A 133 17.76 -13.35 -23.75
N ASN A 134 18.89 -13.90 -23.28
CA ASN A 134 19.27 -15.33 -23.46
C ASN A 134 18.39 -16.19 -22.56
N LYS A 135 17.83 -17.27 -23.11
CA LYS A 135 17.16 -18.35 -22.35
C LYS A 135 18.19 -18.99 -21.44
N LEU A 136 18.08 -18.79 -20.11
CA LEU A 136 18.97 -19.38 -19.09
C LEU A 136 18.58 -20.84 -18.81
N LEU A 137 17.28 -21.13 -18.70
CA LEU A 137 16.77 -22.45 -18.23
C LEU A 137 15.50 -22.83 -19.00
N THR A 138 15.36 -24.13 -19.26
CA THR A 138 14.10 -24.79 -19.66
C THR A 138 13.71 -25.76 -18.55
N LEU A 139 12.57 -25.52 -17.91
CA LEU A 139 12.05 -26.37 -16.82
C LEU A 139 10.93 -27.26 -17.39
N PHE A 140 11.21 -28.55 -17.50
CA PHE A 140 10.22 -29.58 -17.84
C PHE A 140 10.78 -30.94 -17.47
N ASN A 141 9.96 -31.70 -16.74
CA ASN A 141 10.26 -33.06 -16.27
C ASN A 141 9.10 -33.93 -16.74
N PRO A 142 9.31 -34.80 -17.75
CA PRO A 142 8.23 -35.62 -18.27
C PRO A 142 7.70 -36.58 -17.19
N ASP A 143 8.52 -36.88 -16.18
CA ASP A 143 8.17 -37.80 -15.05
C ASP A 143 7.23 -37.12 -14.05
N LEU A 144 7.24 -35.78 -13.96
CA LEU A 144 6.52 -35.04 -12.89
C LEU A 144 5.44 -34.10 -13.45
N ALA A 145 5.31 -33.99 -14.78
CA ALA A 145 4.31 -33.13 -15.46
C ALA A 145 2.90 -33.39 -14.93
N ASN A 146 2.07 -32.34 -14.85
CA ASN A 146 0.61 -32.45 -14.57
C ASN A 146 -0.19 -32.15 -15.84
N ASN A 147 0.44 -31.52 -16.83
CA ASN A 147 -0.18 -31.20 -18.14
C ASN A 147 -1.39 -30.29 -17.94
N TYR A 148 -1.29 -29.30 -17.04
CA TYR A 148 -2.36 -28.29 -16.81
C TYR A 148 -2.64 -27.55 -18.14
N LYS A 149 -3.91 -27.54 -18.57
CA LYS A 149 -4.33 -26.97 -19.88
C LYS A 149 -4.01 -25.46 -19.93
N ARG A 150 -4.12 -24.77 -18.80
CA ARG A 150 -3.90 -23.31 -18.69
C ARG A 150 -2.71 -23.05 -17.77
N ASN A 151 -1.63 -23.82 -17.93
CA ASN A 151 -0.39 -23.68 -17.13
C ASN A 151 0.20 -22.28 -17.32
N CYS A 152 0.58 -21.61 -16.21
CA CYS A 152 1.39 -20.37 -16.16
C CYS A 152 2.49 -20.52 -15.12
N ALA A 153 3.75 -20.53 -15.55
CA ALA A 153 4.92 -20.64 -14.66
C ALA A 153 5.13 -19.30 -13.95
N THR A 154 5.65 -19.33 -12.73
CA THR A 154 5.77 -18.12 -11.87
C THR A 154 6.93 -18.32 -10.90
N PHE A 155 7.67 -17.24 -10.60
CA PHE A 155 8.67 -17.16 -9.51
C PHE A 155 7.95 -16.95 -8.17
N ASN A 156 8.57 -17.41 -7.08
CA ASN A 156 8.14 -17.10 -5.69
C ASN A 156 8.66 -15.71 -5.32
N PRO A 157 8.22 -15.14 -4.18
CA PRO A 157 8.61 -13.78 -3.80
C PRO A 157 10.12 -13.51 -3.77
N THR A 158 10.95 -14.52 -3.45
CA THR A 158 12.42 -14.38 -3.30
C THR A 158 13.16 -14.91 -4.55
N ASP A 159 12.45 -15.44 -5.54
CA ASP A 159 12.99 -15.79 -6.89
C ASP A 159 13.87 -17.04 -6.85
N ASP A 160 13.89 -17.78 -5.73
CA ASP A 160 14.72 -19.00 -5.61
C ASP A 160 13.89 -20.24 -5.98
N LEU A 161 12.56 -20.12 -6.03
CA LEU A 161 11.66 -21.23 -6.46
C LEU A 161 10.84 -20.81 -7.68
N VAL A 162 10.45 -21.78 -8.49
CA VAL A 162 9.48 -21.60 -9.59
C VAL A 162 8.42 -22.68 -9.46
N LEU A 163 7.18 -22.30 -9.72
CA LEU A 163 6.04 -23.23 -9.87
C LEU A 163 5.73 -23.32 -11.35
N ASN A 164 5.91 -24.49 -11.94
CA ASN A 164 5.54 -24.77 -13.35
C ASN A 164 4.72 -26.05 -13.40
N ASP A 165 3.49 -25.98 -13.87
CA ASP A 165 2.66 -27.18 -14.14
C ASP A 165 2.55 -27.99 -12.84
N GLY A 166 2.38 -27.30 -11.70
CA GLY A 166 2.16 -27.90 -10.37
C GLY A 166 3.44 -28.49 -9.80
N VAL A 167 4.58 -28.19 -10.41
CA VAL A 167 5.91 -28.72 -10.00
C VAL A 167 6.72 -27.58 -9.39
N LEU A 168 7.27 -27.80 -8.19
CA LEU A 168 8.16 -26.84 -7.51
C LEU A 168 9.59 -27.10 -7.97
N TRP A 169 10.26 -26.07 -8.48
CA TRP A 169 11.65 -26.15 -8.98
C TRP A 169 12.56 -25.30 -8.10
N ASP A 170 13.72 -25.83 -7.73
CA ASP A 170 14.85 -25.02 -7.23
C ASP A 170 15.53 -24.36 -8.43
N VAL A 171 15.49 -23.03 -8.51
CA VAL A 171 15.98 -22.25 -9.69
C VAL A 171 17.50 -22.46 -9.85
N ARG A 172 18.25 -22.27 -8.76
CA ARG A 172 19.75 -22.33 -8.73
C ARG A 172 20.25 -23.68 -9.29
N SER A 173 19.68 -24.80 -8.84
CA SER A 173 20.09 -26.18 -9.21
C SER A 173 19.29 -26.68 -10.41
N ALA A 174 18.19 -26.00 -10.75
CA ALA A 174 17.30 -26.34 -11.88
C ALA A 174 16.73 -27.76 -11.70
N GLN A 175 16.56 -28.22 -10.46
CA GLN A 175 15.97 -29.55 -10.13
C GLN A 175 14.53 -29.36 -9.64
N ALA A 176 13.60 -30.18 -10.13
CA ALA A 176 12.25 -30.34 -9.55
C ALA A 176 12.42 -30.88 -8.13
N ILE A 177 11.85 -30.21 -7.12
CA ILE A 177 12.05 -30.61 -5.70
C ILE A 177 10.74 -31.18 -5.14
N HIS A 178 9.60 -30.92 -5.78
CA HIS A 178 8.29 -31.48 -5.34
C HIS A 178 7.26 -31.30 -6.45
N LYS A 179 6.49 -32.35 -6.71
CA LYS A 179 5.28 -32.30 -7.56
C LYS A 179 4.07 -32.32 -6.65
N PHE A 180 3.20 -31.33 -6.79
CA PHE A 180 1.88 -31.30 -6.12
C PHE A 180 0.91 -32.17 -6.91
N ASP A 181 0.12 -32.99 -6.21
CA ASP A 181 -0.90 -33.90 -6.79
C ASP A 181 -1.92 -33.07 -7.61
N LYS A 182 -2.43 -33.65 -8.70
CA LYS A 182 -3.36 -32.99 -9.64
C LYS A 182 -4.82 -33.20 -9.18
N PHE A 183 -5.61 -32.11 -9.16
CA PHE A 183 -7.02 -32.10 -8.68
C PHE A 183 -7.95 -31.43 -9.69
N ASN A 184 -7.39 -30.79 -10.71
CA ASN A 184 -8.18 -30.16 -11.79
C ASN A 184 -7.37 -30.26 -13.08
N MET A 185 -7.99 -29.89 -14.21
CA MET A 185 -7.41 -30.08 -15.56
C MET A 185 -6.65 -28.83 -16.02
N ASN A 186 -6.93 -27.64 -15.43
CA ASN A 186 -6.61 -26.34 -16.09
C ASN A 186 -5.58 -25.54 -15.29
N ILE A 187 -5.82 -25.32 -13.98
CA ILE A 187 -5.13 -24.28 -13.14
C ILE A 187 -3.91 -24.89 -12.45
N SER A 188 -2.74 -24.27 -12.63
CA SER A 188 -1.39 -24.76 -12.20
C SER A 188 -0.90 -24.10 -10.90
N GLY A 189 -1.47 -22.95 -10.50
CA GLY A 189 -1.24 -22.38 -9.14
C GLY A 189 -0.25 -21.23 -9.11
N VAL A 190 -0.27 -20.48 -8.01
CA VAL A 190 0.59 -19.29 -7.75
C VAL A 190 1.19 -19.42 -6.36
N PHE A 191 2.21 -18.61 -6.06
CA PHE A 191 2.76 -18.43 -4.70
C PHE A 191 1.92 -17.39 -3.97
N HIS A 192 1.61 -17.65 -2.71
CA HIS A 192 1.16 -16.60 -1.77
C HIS A 192 2.30 -15.61 -1.58
N PRO A 193 2.05 -14.28 -1.67
CA PRO A 193 3.09 -13.29 -1.37
C PRO A 193 3.75 -13.39 0.02
N ASN A 194 3.17 -14.14 0.97
CA ASN A 194 3.76 -14.37 2.32
C ASN A 194 4.96 -15.31 2.23
N GLY A 195 5.12 -16.01 1.09
CA GLY A 195 6.28 -16.88 0.82
C GLY A 195 6.19 -18.24 1.49
N LEU A 196 5.06 -18.57 2.11
CA LEU A 196 4.89 -19.78 2.96
C LEU A 196 3.92 -20.79 2.34
N GLU A 197 3.10 -20.37 1.37
CA GLU A 197 1.94 -21.13 0.85
C GLU A 197 1.95 -21.09 -0.68
N VAL A 198 1.56 -22.17 -1.35
CA VAL A 198 1.21 -22.13 -2.81
C VAL A 198 -0.27 -22.47 -2.96
N ILE A 199 -0.95 -21.73 -3.82
CA ILE A 199 -2.40 -21.86 -4.12
C ILE A 199 -2.52 -22.48 -5.51
N ILE A 200 -2.93 -23.75 -5.59
CA ILE A 200 -3.13 -24.50 -6.87
C ILE A 200 -4.60 -24.85 -6.96
N ASN A 201 -5.37 -23.97 -7.62
CA ASN A 201 -6.83 -24.09 -7.83
C ASN A 201 -7.46 -24.01 -6.44
N THR A 202 -8.22 -25.03 -6.02
CA THR A 202 -8.91 -25.03 -4.71
C THR A 202 -7.93 -25.40 -3.57
N GLU A 203 -6.73 -25.92 -3.88
CA GLU A 203 -5.79 -26.47 -2.86
C GLU A 203 -4.78 -25.40 -2.41
N ILE A 204 -4.60 -25.27 -1.09
CA ILE A 204 -3.54 -24.43 -0.43
C ILE A 204 -2.52 -25.35 0.22
N TRP A 205 -1.29 -25.37 -0.30
CA TRP A 205 -0.19 -26.24 0.18
C TRP A 205 0.79 -25.42 1.02
N ASP A 206 1.30 -26.00 2.10
CA ASP A 206 2.42 -25.45 2.88
C ASP A 206 3.71 -25.72 2.11
N LEU A 207 4.56 -24.70 1.94
CA LEU A 207 5.83 -24.80 1.16
C LEU A 207 6.84 -25.65 1.92
N ARG A 208 6.89 -25.54 3.25
CA ARG A 208 7.81 -26.30 4.13
C ARG A 208 7.48 -27.80 4.03
N THR A 209 6.31 -28.20 4.54
CA THR A 209 5.90 -29.62 4.79
C THR A 209 5.32 -30.25 3.53
N PHE A 210 4.83 -29.43 2.59
CA PHE A 210 4.03 -29.84 1.40
C PHE A 210 2.71 -30.49 1.85
N HIS A 211 2.23 -30.21 3.06
CA HIS A 211 0.92 -30.67 3.57
C HIS A 211 -0.19 -29.75 3.03
N LEU A 212 -1.42 -30.27 2.97
CA LEU A 212 -2.63 -29.54 2.53
C LEU A 212 -3.19 -28.76 3.71
N LEU A 213 -3.19 -27.42 3.63
CA LEU A 213 -3.56 -26.52 4.74
C LEU A 213 -5.06 -26.22 4.68
N HIS A 214 -5.57 -25.96 3.48
CA HIS A 214 -6.99 -25.61 3.24
C HIS A 214 -7.42 -26.14 1.86
N THR A 215 -8.71 -26.41 1.73
CA THR A 215 -9.42 -26.49 0.45
C THR A 215 -10.34 -25.27 0.39
N VAL A 216 -10.32 -24.54 -0.73
CA VAL A 216 -11.17 -23.34 -0.95
C VAL A 216 -11.90 -23.54 -2.27
N PRO A 217 -13.09 -24.19 -2.24
CA PRO A 217 -13.83 -24.56 -3.45
C PRO A 217 -14.18 -23.36 -4.35
N ALA A 218 -14.33 -22.17 -3.76
CA ALA A 218 -14.73 -20.94 -4.48
C ALA A 218 -13.62 -20.53 -5.45
N LEU A 219 -12.40 -21.04 -5.30
CA LEU A 219 -11.25 -20.68 -6.16
C LEU A 219 -11.20 -21.55 -7.40
N ASP A 220 -12.16 -22.46 -7.58
CA ASP A 220 -12.15 -23.44 -8.68
C ASP A 220 -12.04 -22.68 -10.01
N GLN A 221 -11.02 -23.02 -10.82
CA GLN A 221 -10.84 -22.49 -12.20
C GLN A 221 -10.58 -20.97 -12.16
N CYS A 222 -10.17 -20.42 -11.02
CA CYS A 222 -9.86 -18.98 -10.88
C CYS A 222 -8.39 -18.69 -11.22
N ARG A 223 -8.18 -17.64 -12.01
CA ARG A 223 -6.94 -16.84 -11.95
C ARG A 223 -7.02 -15.96 -10.70
N VAL A 224 -5.89 -15.79 -10.04
CA VAL A 224 -5.79 -15.09 -8.74
C VAL A 224 -4.75 -13.97 -8.85
N VAL A 225 -5.04 -12.82 -8.29
CA VAL A 225 -4.09 -11.69 -8.13
C VAL A 225 -4.29 -11.13 -6.72
N PHE A 226 -3.20 -10.85 -6.02
CA PHE A 226 -3.18 -10.24 -4.67
C PHE A 226 -3.11 -8.73 -4.83
N ASN A 227 -3.68 -7.98 -3.88
CA ASN A 227 -3.43 -6.52 -3.80
C ASN A 227 -1.97 -6.32 -3.39
N HIS A 228 -1.44 -5.11 -3.58
CA HIS A 228 0.00 -4.79 -3.39
C HIS A 228 0.43 -5.11 -1.95
N THR A 229 -0.44 -4.91 -0.96
CA THR A 229 -0.14 -5.16 0.47
C THR A 229 -0.23 -6.67 0.79
N GLY A 230 -0.77 -7.47 -0.12
CA GLY A 230 -0.96 -8.93 0.07
C GLY A 230 -1.97 -9.23 1.16
N THR A 231 -2.99 -8.39 1.32
CA THR A 231 -4.07 -8.53 2.35
C THR A 231 -5.34 -9.11 1.71
N VAL A 232 -5.56 -8.83 0.43
CA VAL A 232 -6.79 -9.25 -0.31
C VAL A 232 -6.35 -10.10 -1.51
N MET A 233 -7.05 -11.20 -1.74
CA MET A 233 -6.87 -12.03 -2.95
C MET A 233 -8.12 -11.88 -3.82
N TYR A 234 -7.93 -11.48 -5.08
CA TYR A 234 -8.97 -11.41 -6.13
C TYR A 234 -8.92 -12.69 -6.96
N GLY A 235 -10.07 -13.31 -7.19
CA GLY A 235 -10.22 -14.47 -8.09
C GLY A 235 -11.36 -14.26 -9.05
N ALA A 236 -11.19 -14.68 -10.30
CA ALA A 236 -12.26 -14.73 -11.30
C ALA A 236 -12.16 -16.05 -12.07
N MET A 237 -13.29 -16.74 -12.18
CA MET A 237 -13.41 -18.06 -12.85
C MET A 237 -13.21 -17.87 -14.34
N LEU A 238 -12.30 -18.62 -14.95
CA LEU A 238 -12.17 -18.70 -16.43
C LEU A 238 -13.52 -19.15 -17.02
N GLN A 239 -13.73 -18.92 -18.32
CA GLN A 239 -14.85 -19.51 -19.09
C GLN A 239 -14.50 -20.95 -19.46
N MET A 251 -17.20 -17.28 -26.53
CA MET A 251 -16.67 -15.92 -26.82
C MET A 251 -15.15 -15.90 -26.57
N LYS A 252 -14.46 -14.90 -27.11
CA LYS A 252 -13.01 -14.65 -26.91
C LYS A 252 -12.75 -14.27 -25.44
N SER A 253 -13.82 -14.08 -24.63
CA SER A 253 -13.76 -13.59 -23.23
C SER A 253 -13.13 -14.63 -22.30
N PRO A 254 -11.94 -14.35 -21.71
CA PRO A 254 -11.28 -15.32 -20.84
C PRO A 254 -11.99 -15.61 -19.50
N PHE A 255 -12.80 -14.70 -18.95
CA PHE A 255 -13.52 -14.91 -17.68
C PHE A 255 -15.03 -14.79 -17.87
N GLY A 256 -15.78 -15.34 -16.93
CA GLY A 256 -17.23 -15.11 -16.79
C GLY A 256 -17.49 -13.70 -16.32
N SER A 257 -18.57 -13.49 -15.59
CA SER A 257 -19.17 -12.17 -15.31
C SER A 257 -18.88 -11.74 -13.87
N SER A 258 -18.15 -12.56 -13.10
CA SER A 258 -17.92 -12.30 -11.65
C SER A 258 -16.44 -12.48 -11.25
N PHE A 259 -16.04 -11.74 -10.22
CA PHE A 259 -14.77 -11.91 -9.48
C PHE A 259 -15.14 -11.95 -8.00
N ARG A 260 -14.28 -12.56 -7.19
CA ARG A 260 -14.47 -12.78 -5.74
C ARG A 260 -13.22 -12.25 -5.01
N THR A 261 -13.40 -11.68 -3.83
CA THR A 261 -12.29 -11.29 -2.94
C THR A 261 -12.26 -12.23 -1.74
N PHE A 262 -11.06 -12.50 -1.26
CA PHE A 262 -10.78 -13.33 -0.07
C PHE A 262 -9.79 -12.58 0.82
N ASN A 263 -9.92 -12.79 2.11
CA ASN A 263 -8.90 -12.39 3.11
C ASN A 263 -7.69 -13.27 2.85
N ALA A 264 -6.57 -12.69 2.43
CA ALA A 264 -5.34 -13.41 2.03
C ALA A 264 -4.71 -14.07 3.25
N THR A 265 -5.05 -13.62 4.47
CA THR A 265 -4.44 -14.14 5.72
C THR A 265 -5.09 -15.46 6.12
N ASP A 266 -6.41 -15.63 5.89
CA ASP A 266 -7.17 -16.81 6.39
C ASP A 266 -8.04 -17.46 5.29
N TYR A 267 -8.01 -16.91 4.07
CA TYR A 267 -8.72 -17.42 2.85
C TYR A 267 -10.24 -17.39 3.03
N LYS A 268 -10.75 -16.68 4.05
CA LYS A 268 -12.20 -16.45 4.26
C LYS A 268 -12.75 -15.56 3.13
N PRO A 269 -13.94 -15.88 2.57
CA PRO A 269 -14.58 -15.01 1.59
C PRO A 269 -14.88 -13.62 2.14
N ILE A 270 -14.88 -12.62 1.27
CA ILE A 270 -15.18 -11.20 1.62
C ILE A 270 -16.41 -10.80 0.82
N ALA A 271 -16.27 -10.72 -0.50
CA ALA A 271 -17.32 -10.25 -1.42
C ALA A 271 -17.30 -11.09 -2.69
N THR A 272 -18.48 -11.29 -3.27
CA THR A 272 -18.68 -11.75 -4.66
C THR A 272 -19.25 -10.57 -5.43
N ILE A 273 -18.58 -10.17 -6.51
CA ILE A 273 -19.01 -9.06 -7.38
C ILE A 273 -19.38 -9.66 -8.73
N ASP A 274 -20.66 -9.55 -9.11
CA ASP A 274 -21.17 -9.98 -10.45
C ASP A 274 -21.50 -8.75 -11.28
N VAL A 275 -20.68 -8.44 -12.28
CA VAL A 275 -20.81 -7.26 -13.17
C VAL A 275 -21.81 -7.57 -14.29
N LYS A 276 -22.30 -8.83 -14.37
CA LYS A 276 -23.35 -9.31 -15.32
C LYS A 276 -22.84 -9.29 -16.77
N ARG A 277 -21.60 -8.82 -16.99
CA ARG A 277 -20.92 -8.77 -18.30
C ARG A 277 -19.62 -9.56 -18.17
N ASN A 278 -19.14 -10.16 -19.25
CA ASN A 278 -17.90 -10.97 -19.26
C ASN A 278 -16.70 -10.07 -18.99
N ILE A 279 -15.74 -10.58 -18.22
CA ILE A 279 -14.52 -9.86 -17.80
C ILE A 279 -13.35 -10.32 -18.67
N PHE A 280 -12.51 -9.38 -19.11
CA PHE A 280 -11.27 -9.68 -19.86
C PHE A 280 -10.08 -9.64 -18.90
N ASP A 281 -10.12 -8.77 -17.90
CA ASP A 281 -8.96 -8.52 -16.99
C ASP A 281 -9.39 -7.65 -15.82
N LEU A 282 -8.64 -7.71 -14.72
CA LEU A 282 -8.69 -6.66 -13.67
C LEU A 282 -7.28 -6.41 -13.15
N CYS A 283 -7.07 -5.21 -12.58
CA CYS A 283 -5.81 -4.81 -11.90
C CYS A 283 -6.13 -3.79 -10.82
N THR A 284 -5.32 -3.75 -9.76
CA THR A 284 -5.33 -2.72 -8.70
C THR A 284 -4.11 -1.83 -8.89
N ASP A 285 -4.20 -0.57 -8.46
CA ASP A 285 -3.07 0.40 -8.46
C ASP A 285 -2.13 0.06 -7.30
N THR A 286 -0.93 0.65 -7.30
CA THR A 286 0.15 0.42 -6.30
C THR A 286 -0.36 0.70 -4.88
N LYS A 287 -1.30 1.64 -4.71
CA LYS A 287 -1.78 2.03 -3.35
C LYS A 287 -3.07 1.27 -2.98
N ASP A 288 -3.58 0.41 -3.86
CA ASP A 288 -4.81 -0.42 -3.66
C ASP A 288 -6.01 0.45 -3.28
N CYS A 289 -6.09 1.66 -3.84
CA CYS A 289 -7.26 2.57 -3.75
C CYS A 289 -8.32 2.14 -4.78
N TYR A 290 -7.85 1.74 -5.96
CA TYR A 290 -8.67 1.57 -7.19
C TYR A 290 -8.53 0.15 -7.73
N LEU A 291 -9.60 -0.30 -8.36
CA LEU A 291 -9.67 -1.56 -9.15
C LEU A 291 -10.17 -1.21 -10.55
N ALA A 292 -9.39 -1.52 -11.59
CA ALA A 292 -9.81 -1.40 -13.00
C ALA A 292 -10.25 -2.78 -13.50
N VAL A 293 -11.42 -2.84 -14.12
CA VAL A 293 -11.96 -4.08 -14.76
C VAL A 293 -12.25 -3.80 -16.23
N ILE A 294 -11.84 -4.70 -17.11
CA ILE A 294 -12.23 -4.67 -18.55
C ILE A 294 -13.42 -5.62 -18.73
N GLU A 295 -14.56 -5.07 -19.16
CA GLU A 295 -15.87 -5.75 -19.29
C GLU A 295 -16.38 -5.55 -20.72
N ASN A 296 -16.91 -6.60 -21.34
CA ASN A 296 -17.62 -6.52 -22.64
C ASN A 296 -19.01 -5.94 -22.39
N GLN A 297 -19.41 -4.93 -23.16
CA GLN A 297 -20.80 -4.39 -23.16
C GLN A 297 -21.71 -5.31 -23.97
N GLY A 298 -21.19 -5.83 -25.10
CA GLY A 298 -21.93 -6.65 -26.08
C GLY A 298 -21.57 -8.12 -25.99
N ASN A 304 -20.61 -7.53 -30.74
CA ASN A 304 -19.73 -8.62 -30.24
C ASN A 304 -18.68 -8.03 -29.28
N MET A 305 -17.60 -7.46 -29.83
CA MET A 305 -16.45 -6.91 -29.07
C MET A 305 -16.59 -5.39 -28.92
N ASP A 306 -16.99 -4.93 -27.73
CA ASP A 306 -17.14 -3.49 -27.42
C ASP A 306 -16.87 -3.31 -25.93
N THR A 307 -15.59 -3.33 -25.57
CA THR A 307 -15.17 -3.44 -24.15
C THR A 307 -15.11 -2.04 -23.57
N VAL A 308 -15.38 -1.95 -22.30
CA VAL A 308 -15.15 -0.72 -21.50
C VAL A 308 -14.18 -1.10 -20.40
N CYS A 309 -13.43 -0.11 -19.94
CA CYS A 309 -12.70 -0.15 -18.67
C CYS A 309 -13.59 0.52 -17.62
N ARG A 310 -13.93 -0.21 -16.57
CA ARG A 310 -14.63 0.35 -15.40
C ARG A 310 -13.64 0.50 -14.27
N LEU A 311 -13.63 1.66 -13.64
CA LEU A 311 -12.78 1.97 -12.46
C LEU A 311 -13.66 1.90 -11.21
N TYR A 312 -13.24 1.14 -10.21
CA TYR A 312 -13.93 1.01 -8.91
C TYR A 312 -13.02 1.53 -7.80
N GLU A 313 -13.64 2.17 -6.80
CA GLU A 313 -13.00 2.48 -5.49
C GLU A 313 -13.12 1.26 -4.60
N VAL A 314 -11.96 0.74 -4.16
CA VAL A 314 -11.85 -0.51 -3.37
C VAL A 314 -12.41 -0.27 -1.97
N ALA B 4 16.61 22.53 1.29
CA ALA B 4 16.50 23.90 1.85
C ALA B 4 15.23 24.00 2.71
N PHE B 5 15.40 24.28 4.00
CA PHE B 5 14.33 24.71 4.93
C PHE B 5 14.62 26.16 5.35
N ARG B 6 13.99 27.12 4.66
CA ARG B 6 14.18 28.58 4.82
C ARG B 6 13.17 29.11 5.83
N PRO B 7 13.61 29.58 7.02
CA PRO B 7 12.68 30.17 7.99
C PRO B 7 12.00 31.43 7.41
N ILE B 8 10.68 31.49 7.54
CA ILE B 8 9.79 32.57 7.00
C ILE B 8 9.37 33.49 8.15
N SER B 9 8.65 32.94 9.14
CA SER B 9 7.88 33.69 10.18
C SER B 9 7.63 32.80 11.38
N VAL B 10 7.36 33.42 12.52
CA VAL B 10 7.04 32.72 13.80
C VAL B 10 5.61 33.08 14.21
N PHE B 11 4.87 32.08 14.68
CA PHE B 11 3.61 32.25 15.44
C PHE B 11 3.95 32.14 16.93
N ARG B 12 3.58 33.14 17.72
CA ARG B 12 3.72 33.09 19.19
C ARG B 12 2.37 33.38 19.82
N GLU B 13 2.13 32.83 21.01
CA GLU B 13 0.87 33.02 21.77
C GLU B 13 0.75 34.50 22.12
N ALA B 14 -0.18 35.20 21.47
CA ALA B 14 -0.53 36.61 21.78
C ALA B 14 -0.87 36.74 23.28
N ASN B 15 -0.32 37.77 23.94
CA ASN B 15 -0.76 38.23 25.28
C ASN B 15 -0.30 37.21 26.35
N GLU B 16 0.77 36.45 26.06
CA GLU B 16 1.44 35.56 27.03
C GLU B 16 2.93 35.92 27.08
N ASP B 17 3.50 36.03 28.29
CA ASP B 17 4.93 36.38 28.52
C ASP B 17 5.81 35.34 27.80
N GLU B 18 5.46 34.06 27.94
CA GLU B 18 6.08 32.92 27.22
C GLU B 18 5.01 32.20 26.41
N SER B 19 5.33 31.76 25.18
CA SER B 19 4.48 30.89 24.33
C SER B 19 4.43 29.48 24.92
N GLY B 20 3.32 28.76 24.70
CA GLY B 20 3.05 27.43 25.28
C GLY B 20 2.57 26.40 24.26
N PHE B 21 2.92 26.56 22.98
CA PHE B 21 2.59 25.63 21.89
C PHE B 21 3.28 24.29 22.15
N THR B 22 2.59 23.17 21.89
CA THR B 22 3.09 21.79 22.12
C THR B 22 2.99 20.92 20.86
N CYS B 23 2.09 21.25 19.93
CA CYS B 23 1.90 20.48 18.69
C CYS B 23 1.20 21.36 17.66
N CYS B 24 1.27 20.95 16.40
CA CYS B 24 0.77 21.73 15.23
C CYS B 24 0.18 20.76 14.22
N ALA B 25 -0.82 21.24 13.48
CA ALA B 25 -1.34 20.61 12.27
C ALA B 25 -1.91 21.70 11.37
N PHE B 26 -1.66 21.61 10.06
CA PHE B 26 -2.34 22.45 9.06
C PHE B 26 -3.80 21.98 8.97
N SER B 27 -4.75 22.91 8.86
CA SER B 27 -6.15 22.62 8.43
C SER B 27 -6.08 22.00 7.02
N ALA B 28 -7.01 21.10 6.69
CA ALA B 28 -7.09 20.41 5.38
C ALA B 28 -7.11 21.44 4.24
N ARG B 29 -7.76 22.59 4.48
CA ARG B 29 -7.98 23.68 3.48
C ARG B 29 -6.77 24.64 3.44
N GLU B 30 -5.75 24.41 4.27
CA GLU B 30 -4.43 25.13 4.24
C GLU B 30 -4.65 26.62 4.57
N ARG B 31 -5.78 26.97 5.19
CA ARG B 31 -6.13 28.35 5.60
C ARG B 31 -5.42 28.69 6.92
N PHE B 32 -5.48 27.79 7.90
CA PHE B 32 -5.01 28.05 9.27
C PHE B 32 -4.05 26.95 9.75
N LEU B 33 -3.21 27.35 10.70
CA LEU B 33 -2.37 26.45 11.51
C LEU B 33 -3.10 26.20 12.84
N MET B 34 -3.24 24.94 13.20
CA MET B 34 -3.85 24.51 14.48
C MET B 34 -2.73 24.16 15.45
N LEU B 35 -2.64 24.92 16.54
CA LEU B 35 -1.59 24.78 17.56
C LEU B 35 -2.24 24.41 18.90
N GLY B 36 -1.84 23.26 19.47
CA GLY B 36 -2.16 22.86 20.84
C GLY B 36 -1.24 23.54 21.83
N THR B 37 -1.70 23.74 23.07
CA THR B 37 -0.90 24.47 24.10
C THR B 37 -0.73 23.61 25.33
N CYS B 38 0.22 24.00 26.19
CA CYS B 38 0.52 23.32 27.48
C CYS B 38 -0.68 23.42 28.44
N THR B 39 -1.65 24.29 28.17
CA THR B 39 -2.86 24.53 29.03
C THR B 39 -4.10 23.86 28.41
N GLY B 40 -3.91 23.10 27.33
CA GLY B 40 -4.99 22.30 26.71
C GLY B 40 -5.91 23.13 25.85
N GLN B 41 -5.42 24.25 25.32
CA GLN B 41 -6.16 25.05 24.32
C GLN B 41 -5.79 24.55 22.93
N LEU B 42 -6.74 24.62 22.01
CA LEU B 42 -6.49 24.50 20.57
C LEU B 42 -6.64 25.90 19.97
N LYS B 43 -5.57 26.44 19.39
CA LYS B 43 -5.55 27.83 18.86
C LYS B 43 -5.41 27.77 17.34
N LEU B 44 -6.32 28.46 16.63
CA LEU B 44 -6.29 28.64 15.17
C LEU B 44 -5.52 29.92 14.86
N TYR B 45 -4.50 29.82 14.02
CA TYR B 45 -3.70 30.95 13.52
C TYR B 45 -3.80 31.01 11.99
N ASN B 46 -4.14 32.20 11.48
CA ASN B 46 -4.14 32.47 10.03
C ASN B 46 -2.68 32.39 9.55
N VAL B 47 -2.38 31.48 8.63
CA VAL B 47 -0.99 31.29 8.08
C VAL B 47 -0.52 32.63 7.49
N PHE B 48 -1.36 33.27 6.66
CA PHE B 48 -1.05 34.53 5.94
C PHE B 48 -0.75 35.63 6.98
N SER B 49 -1.72 35.95 7.84
CA SER B 49 -1.67 37.12 8.76
C SER B 49 -0.83 36.83 10.00
N GLY B 50 -0.74 35.57 10.43
CA GLY B 50 -0.07 35.17 11.69
C GLY B 50 -0.90 35.50 12.93
N GLN B 51 -2.16 35.89 12.74
CA GLN B 51 -3.06 36.37 13.84
C GLN B 51 -3.87 35.19 14.38
N GLU B 52 -3.99 35.10 15.71
CA GLU B 52 -4.85 34.11 16.40
C GLU B 52 -6.32 34.46 16.14
N GLU B 53 -7.08 33.51 15.61
CA GLU B 53 -8.49 33.71 15.23
C GLU B 53 -9.42 33.00 16.22
N ALA B 54 -8.88 32.12 17.06
CA ALA B 54 -9.70 31.25 17.96
C ALA B 54 -8.81 30.52 18.97
N SER B 55 -9.32 30.36 20.19
CA SER B 55 -8.74 29.54 21.27
C SER B 55 -9.86 28.72 21.89
N TYR B 56 -9.86 27.40 21.64
CA TYR B 56 -10.87 26.45 22.15
C TYR B 56 -10.31 25.67 23.33
N ASN B 57 -11.15 25.52 24.37
CA ASN B 57 -10.84 24.74 25.59
C ASN B 57 -11.06 23.26 25.27
N CYS B 58 -10.00 22.51 25.00
CA CYS B 58 -10.11 21.09 24.57
C CYS B 58 -9.85 20.13 25.74
N HIS B 59 -8.85 20.39 26.57
CA HIS B 59 -8.41 19.47 27.65
C HIS B 59 -7.97 20.30 28.84
N ASN B 60 -7.90 19.70 30.02
CA ASN B 60 -7.45 20.37 31.27
C ASN B 60 -5.95 20.09 31.48
N SER B 61 -5.24 19.62 30.45
CA SER B 61 -3.76 19.43 30.49
C SER B 61 -3.17 19.59 29.09
N ALA B 62 -1.85 19.52 28.99
CA ALA B 62 -1.06 19.83 27.79
C ALA B 62 -1.52 18.94 26.63
N ILE B 63 -1.93 19.55 25.53
CA ILE B 63 -2.15 18.83 24.24
C ILE B 63 -0.80 18.30 23.76
N THR B 64 -0.74 17.01 23.44
CA THR B 64 0.48 16.32 23.01
C THR B 64 0.47 16.14 21.48
N HIS B 65 -0.70 15.89 20.89
CA HIS B 65 -0.85 15.44 19.49
C HIS B 65 -2.20 15.91 18.92
N LEU B 66 -2.20 16.27 17.64
CA LEU B 66 -3.39 16.70 16.86
C LEU B 66 -3.41 15.91 15.57
N GLU B 67 -4.59 15.58 15.04
CA GLU B 67 -4.76 15.03 13.68
C GLU B 67 -6.09 15.50 13.12
N PRO B 68 -6.07 16.41 12.13
CA PRO B 68 -7.29 16.76 11.40
C PRO B 68 -7.60 15.68 10.36
N SER B 69 -8.88 15.40 10.16
CA SER B 69 -9.38 14.56 9.04
C SER B 69 -9.07 15.30 7.72
N ARG B 70 -8.80 14.54 6.65
CA ARG B 70 -8.44 15.07 5.31
C ARG B 70 -9.56 15.98 4.77
N ASP B 71 -10.81 15.68 5.09
CA ASP B 71 -12.02 16.41 4.60
C ASP B 71 -12.21 17.72 5.38
N GLY B 72 -11.50 17.90 6.51
CA GLY B 72 -11.46 19.17 7.27
C GLY B 72 -12.59 19.32 8.27
N SER B 73 -13.42 18.28 8.46
CA SER B 73 -14.66 18.30 9.27
C SER B 73 -14.42 17.82 10.71
N LEU B 74 -13.32 17.08 10.96
CA LEU B 74 -13.06 16.38 12.25
C LEU B 74 -11.63 16.65 12.72
N LEU B 75 -11.42 16.67 14.03
CA LEU B 75 -10.08 16.82 14.63
C LEU B 75 -9.95 15.85 15.80
N LEU B 76 -8.85 15.13 15.85
CA LEU B 76 -8.45 14.32 17.03
C LEU B 76 -7.44 15.12 17.84
N THR B 77 -7.60 15.13 19.16
CA THR B 77 -6.63 15.68 20.14
C THR B 77 -6.28 14.61 21.15
N SER B 78 -5.08 14.69 21.70
CA SER B 78 -4.62 13.89 22.85
C SER B 78 -3.96 14.83 23.84
N ALA B 79 -4.13 14.58 25.12
CA ALA B 79 -3.51 15.38 26.20
C ALA B 79 -2.66 14.46 27.08
N THR B 80 -2.12 14.99 28.16
CA THR B 80 -1.06 14.36 28.98
C THR B 80 -1.68 13.60 30.14
N TRP B 81 -2.54 14.28 30.91
CA TRP B 81 -3.04 13.78 32.21
C TRP B 81 -4.55 13.87 32.24
N SER B 82 -5.14 13.34 33.29
CA SER B 82 -6.57 13.54 33.59
C SER B 82 -7.40 12.94 32.45
N GLN B 83 -8.62 13.44 32.26
CA GLN B 83 -9.67 12.79 31.44
C GLN B 83 -10.53 13.87 30.80
N PRO B 84 -11.04 13.66 29.56
CA PRO B 84 -10.65 12.52 28.73
C PRO B 84 -9.24 12.75 28.15
N LEU B 85 -8.48 11.68 27.91
CA LEU B 85 -7.07 11.80 27.41
C LEU B 85 -7.09 12.19 25.93
N SER B 86 -8.10 11.74 25.20
CA SER B 86 -8.23 11.98 23.75
C SER B 86 -9.67 12.35 23.45
N ALA B 87 -9.90 13.10 22.38
CA ALA B 87 -11.26 13.46 21.97
C ALA B 87 -11.28 13.71 20.47
N LEU B 88 -12.47 13.61 19.90
CA LEU B 88 -12.81 13.93 18.51
C LEU B 88 -13.71 15.18 18.51
N TRP B 89 -13.35 16.18 17.71
CA TRP B 89 -14.01 17.50 17.63
C TRP B 89 -14.54 17.73 16.22
N GLY B 90 -15.71 18.38 16.10
CA GLY B 90 -16.25 18.88 14.83
C GLY B 90 -15.70 20.24 14.47
N MET B 91 -15.20 20.42 13.24
CA MET B 91 -14.63 21.69 12.71
C MET B 91 -15.66 22.37 11.79
N LYS B 92 -16.87 21.80 11.67
CA LYS B 92 -17.78 22.00 10.51
C LYS B 92 -18.52 23.33 10.70
N SER B 93 -19.58 23.35 11.53
CA SER B 93 -20.41 24.55 11.81
C SER B 93 -19.80 25.30 13.00
N VAL B 94 -20.09 24.82 14.22
CA VAL B 94 -19.49 25.29 15.50
C VAL B 94 -18.47 24.23 15.95
N PHE B 95 -17.45 24.64 16.71
CA PHE B 95 -16.44 23.73 17.31
C PHE B 95 -17.06 23.05 18.53
N ASP B 96 -17.22 21.72 18.48
CA ASP B 96 -17.93 20.91 19.50
C ASP B 96 -17.19 19.57 19.67
N MET B 97 -17.34 18.94 20.84
CA MET B 97 -16.79 17.58 21.10
C MET B 97 -17.78 16.55 20.56
N LYS B 98 -17.34 15.68 19.67
CA LYS B 98 -18.16 14.61 19.04
C LYS B 98 -18.16 13.41 19.97
N HIS B 99 -16.96 12.94 20.34
CA HIS B 99 -16.75 11.78 21.24
C HIS B 99 -15.49 12.03 22.08
N SER B 100 -15.42 11.42 23.24
CA SER B 100 -14.18 11.33 24.05
C SER B 100 -13.70 9.88 24.06
N PHE B 101 -12.40 9.71 24.21
CA PHE B 101 -11.71 8.39 24.33
C PHE B 101 -10.93 8.44 25.62
N THR B 102 -11.63 8.14 26.72
CA THR B 102 -11.24 8.54 28.09
C THR B 102 -9.80 8.13 28.39
N GLU B 103 -9.43 6.88 28.13
CA GLU B 103 -8.14 6.32 28.61
C GLU B 103 -7.11 6.24 27.47
N ASP B 104 -7.45 6.62 26.24
CA ASP B 104 -6.51 6.49 25.08
C ASP B 104 -5.60 7.73 25.03
N HIS B 105 -4.29 7.55 25.30
CA HIS B 105 -3.29 8.65 25.35
C HIS B 105 -2.84 9.02 23.93
N TYR B 106 -3.31 8.32 22.91
CA TYR B 106 -2.92 8.58 21.51
C TYR B 106 -3.98 8.00 20.60
N VAL B 107 -4.36 8.78 19.60
CA VAL B 107 -5.44 8.41 18.65
C VAL B 107 -4.99 8.83 17.25
N GLU B 108 -5.39 8.06 16.26
CA GLU B 108 -5.22 8.34 14.82
C GLU B 108 -6.54 8.00 14.12
N PHE B 109 -6.82 8.63 13.00
CA PHE B 109 -7.84 8.15 12.02
C PHE B 109 -7.33 6.90 11.31
N SER B 110 -8.25 6.04 10.89
CA SER B 110 -8.07 5.11 9.75
C SER B 110 -7.59 5.90 8.52
N LYS B 111 -6.92 5.26 7.57
CA LYS B 111 -6.08 5.94 6.55
C LYS B 111 -6.79 5.97 5.19
N HIS B 112 -7.37 4.85 4.76
CA HIS B 112 -8.06 4.70 3.46
C HIS B 112 -9.36 5.51 3.49
N SER B 113 -10.37 5.01 4.21
CA SER B 113 -11.60 5.76 4.56
C SER B 113 -11.51 6.16 6.05
N GLN B 114 -11.67 7.44 6.35
CA GLN B 114 -11.48 8.01 7.72
C GLN B 114 -12.80 7.90 8.47
N ASP B 115 -13.24 6.65 8.72
CA ASP B 115 -14.55 6.32 9.34
C ASP B 115 -14.32 5.72 10.72
N ARG B 116 -13.06 5.48 11.09
CA ARG B 116 -12.70 4.90 12.39
C ARG B 116 -11.53 5.67 13.01
N VAL B 117 -11.38 5.48 14.32
CA VAL B 117 -10.29 6.03 15.14
C VAL B 117 -9.63 4.83 15.79
N ILE B 118 -8.31 4.78 15.80
CA ILE B 118 -7.55 3.81 16.62
C ILE B 118 -6.88 4.56 17.77
N GLY B 119 -7.17 4.12 18.99
CA GLY B 119 -6.56 4.64 20.22
C GLY B 119 -5.64 3.64 20.87
N THR B 120 -4.62 4.12 21.58
CA THR B 120 -3.67 3.29 22.34
C THR B 120 -3.83 3.60 23.83
N LYS B 121 -3.96 2.56 24.65
CA LYS B 121 -3.82 2.61 26.12
C LYS B 121 -2.74 1.61 26.56
N GLY B 122 -1.53 2.10 26.86
CA GLY B 122 -0.33 1.26 27.02
C GLY B 122 -0.16 0.32 25.83
N ASP B 123 -0.30 -0.98 26.07
CA ASP B 123 0.01 -2.07 25.10
C ASP B 123 -1.25 -2.46 24.34
N ILE B 124 -2.39 -1.81 24.62
CA ILE B 124 -3.72 -2.17 24.09
C ILE B 124 -4.14 -1.17 23.02
N ALA B 125 -4.71 -1.65 21.90
CA ALA B 125 -5.29 -0.82 20.84
C ALA B 125 -6.81 -0.98 20.85
N HIS B 126 -7.52 0.13 20.72
CA HIS B 126 -9.00 0.18 20.60
C HIS B 126 -9.35 0.80 19.28
N ILE B 127 -10.26 0.19 18.53
CA ILE B 127 -10.83 0.80 17.30
C ILE B 127 -12.24 1.25 17.61
N TYR B 128 -12.58 2.48 17.21
CA TYR B 128 -13.87 3.16 17.46
C TYR B 128 -14.49 3.57 16.14
N ASP B 129 -15.82 3.44 16.05
CA ASP B 129 -16.63 4.01 14.93
C ASP B 129 -16.72 5.51 15.16
N ILE B 130 -16.47 6.30 14.12
CA ILE B 130 -16.49 7.78 14.22
C ILE B 130 -17.93 8.25 14.46
N GLN B 131 -18.91 7.58 13.87
CA GLN B 131 -20.34 8.00 13.89
C GLN B 131 -20.88 7.83 15.32
N THR B 132 -20.82 6.61 15.85
CA THR B 132 -21.41 6.21 17.17
C THR B 132 -20.43 6.45 18.31
N GLY B 133 -19.12 6.44 18.03
CA GLY B 133 -18.06 6.45 19.06
C GLY B 133 -17.94 5.12 19.79
N ASN B 134 -18.69 4.10 19.38
CA ASN B 134 -18.64 2.76 20.03
C ASN B 134 -17.28 2.12 19.73
N LYS B 135 -16.78 1.34 20.68
CA LYS B 135 -15.59 0.46 20.56
C LYS B 135 -15.98 -0.76 19.71
N LEU B 136 -15.39 -0.90 18.51
CA LEU B 136 -15.64 -2.01 17.55
C LEU B 136 -14.74 -3.19 17.89
N LEU B 137 -13.54 -2.92 18.42
CA LEU B 137 -12.44 -3.91 18.51
C LEU B 137 -11.44 -3.47 19.57
N THR B 138 -10.98 -4.44 20.37
CA THR B 138 -9.79 -4.34 21.25
C THR B 138 -8.77 -5.35 20.74
N LEU B 139 -7.58 -4.87 20.36
CA LEU B 139 -6.49 -5.71 19.85
C LEU B 139 -5.40 -5.74 20.91
N PHE B 140 -5.21 -6.91 21.50
CA PHE B 140 -4.19 -7.16 22.54
C PHE B 140 -4.03 -8.68 22.72
N ASN B 141 -2.81 -9.18 22.60
CA ASN B 141 -2.44 -10.59 22.87
C ASN B 141 -1.25 -10.58 23.81
N PRO B 142 -1.46 -10.93 25.10
CA PRO B 142 -0.42 -10.77 26.12
C PRO B 142 0.77 -11.73 25.92
N ASP B 143 0.60 -12.75 25.08
CA ASP B 143 1.69 -13.63 24.58
C ASP B 143 2.70 -12.74 23.84
N LEU B 144 2.18 -11.90 22.93
CA LEU B 144 2.94 -11.26 21.82
C LEU B 144 3.43 -9.86 22.22
N ALA B 145 3.06 -9.37 23.40
CA ALA B 145 3.40 -8.01 23.90
C ALA B 145 4.92 -7.77 23.81
N ASN B 146 5.32 -6.59 23.34
CA ASN B 146 6.71 -6.07 23.44
C ASN B 146 6.79 -5.04 24.56
N ASN B 147 5.65 -4.48 24.98
CA ASN B 147 5.55 -3.47 26.06
C ASN B 147 6.40 -2.24 25.70
N TYR B 148 6.35 -1.79 24.44
CA TYR B 148 7.02 -0.52 24.02
C TYR B 148 6.50 0.62 24.88
N LYS B 149 7.42 1.43 25.42
CA LYS B 149 7.07 2.51 26.39
C LYS B 149 6.35 3.65 25.65
N ARG B 150 6.54 3.82 24.33
CA ARG B 150 5.88 4.88 23.52
C ARG B 150 5.04 4.22 22.43
N ASN B 151 4.42 3.09 22.77
CA ASN B 151 3.54 2.33 21.85
C ASN B 151 2.46 3.27 21.31
N CYS B 152 2.31 3.28 19.99
CA CYS B 152 1.26 4.03 19.27
C CYS B 152 0.68 3.12 18.21
N ALA B 153 -0.54 2.66 18.41
CA ALA B 153 -1.22 1.72 17.48
C ALA B 153 -1.63 2.51 16.23
N THR B 154 -1.56 1.88 15.06
CA THR B 154 -1.72 2.54 13.76
C THR B 154 -2.32 1.56 12.76
N PHE B 155 -3.18 2.05 11.88
CA PHE B 155 -3.63 1.36 10.66
C PHE B 155 -2.56 1.46 9.57
N ASN B 156 -2.51 0.45 8.71
CA ASN B 156 -1.77 0.54 7.44
C ASN B 156 -2.60 1.37 6.48
N PRO B 157 -2.06 1.79 5.32
CA PRO B 157 -2.79 2.69 4.41
C PRO B 157 -4.12 2.15 3.87
N THR B 158 -4.33 0.83 3.85
CA THR B 158 -5.57 0.19 3.32
C THR B 158 -6.53 -0.17 4.46
N ASP B 159 -6.11 0.00 5.71
CA ASP B 159 -6.96 -0.17 6.93
C ASP B 159 -7.25 -1.66 7.17
N ASP B 160 -6.67 -2.56 6.36
CA ASP B 160 -6.77 -4.02 6.52
C ASP B 160 -5.94 -4.44 7.74
N LEU B 161 -4.84 -3.74 8.01
CA LEU B 161 -3.89 -4.16 9.07
C LEU B 161 -3.77 -3.07 10.13
N VAL B 162 -3.33 -3.47 11.31
CA VAL B 162 -2.97 -2.57 12.44
C VAL B 162 -1.64 -3.05 12.98
N LEU B 163 -0.72 -2.13 13.24
CA LEU B 163 0.49 -2.37 14.05
C LEU B 163 0.24 -1.83 15.46
N ASN B 164 0.36 -2.70 16.46
CA ASN B 164 0.21 -2.35 17.89
C ASN B 164 1.29 -3.07 18.67
N ASP B 165 2.18 -2.31 19.31
CA ASP B 165 3.23 -2.83 20.21
C ASP B 165 4.11 -3.85 19.46
N GLY B 166 4.39 -3.62 18.18
CA GLY B 166 5.28 -4.46 17.35
C GLY B 166 4.58 -5.71 16.82
N VAL B 167 3.27 -5.83 17.07
CA VAL B 167 2.43 -6.97 16.58
C VAL B 167 1.62 -6.49 15.37
N LEU B 168 1.70 -7.21 14.26
CA LEU B 168 0.83 -7.01 13.08
C LEU B 168 -0.48 -7.78 13.28
N TRP B 169 -1.62 -7.08 13.15
CA TRP B 169 -3.00 -7.60 13.33
C TRP B 169 -3.73 -7.53 12.00
N ASP B 170 -4.37 -8.64 11.59
CA ASP B 170 -5.42 -8.60 10.53
C ASP B 170 -6.68 -8.04 11.18
N VAL B 171 -7.19 -6.92 10.67
CA VAL B 171 -8.33 -6.18 11.29
C VAL B 171 -9.60 -7.00 11.10
N ARG B 172 -9.87 -7.45 9.86
CA ARG B 172 -11.07 -8.23 9.46
C ARG B 172 -11.28 -9.42 10.39
N SER B 173 -10.24 -10.18 10.69
CA SER B 173 -10.29 -11.40 11.55
C SER B 173 -10.02 -11.05 13.02
N ALA B 174 -9.57 -9.83 13.29
CA ALA B 174 -9.07 -9.39 14.61
C ALA B 174 -8.08 -10.42 15.15
N GLN B 175 -7.20 -10.92 14.27
CA GLN B 175 -6.20 -11.97 14.61
C GLN B 175 -4.80 -11.40 14.41
N ALA B 176 -3.86 -11.75 15.30
CA ALA B 176 -2.42 -11.46 15.22
C ALA B 176 -1.79 -12.27 14.07
N ILE B 177 -1.22 -11.57 13.07
CA ILE B 177 -0.51 -12.19 11.90
C ILE B 177 0.94 -12.49 12.30
N HIS B 178 1.60 -11.58 13.01
CA HIS B 178 3.06 -11.68 13.28
C HIS B 178 3.47 -10.75 14.42
N LYS B 179 4.34 -11.24 15.27
CA LYS B 179 5.04 -10.42 16.28
C LYS B 179 6.45 -10.12 15.75
N PHE B 180 6.76 -8.84 15.49
CA PHE B 180 8.15 -8.36 15.27
C PHE B 180 8.87 -8.31 16.61
N ASP B 181 10.12 -8.75 16.65
CA ASP B 181 10.88 -8.88 17.91
C ASP B 181 11.36 -7.50 18.37
N LYS B 182 11.65 -7.38 19.68
CA LYS B 182 11.89 -6.12 20.41
C LYS B 182 13.38 -5.80 20.40
N PHE B 183 13.79 -4.70 19.79
CA PHE B 183 15.22 -4.33 19.63
C PHE B 183 15.47 -2.94 20.22
N ASN B 184 14.45 -2.35 20.87
CA ASN B 184 14.52 -1.05 21.56
C ASN B 184 13.38 -1.01 22.57
N MET B 185 13.37 -0.02 23.46
CA MET B 185 12.46 0.02 24.62
C MET B 185 11.21 0.86 24.29
N ASN B 186 11.32 1.77 23.32
CA ASN B 186 10.43 2.95 23.18
C ASN B 186 9.52 2.78 21.97
N ILE B 187 10.09 2.69 20.76
CA ILE B 187 9.39 2.91 19.46
C ILE B 187 8.75 1.60 18.99
N SER B 188 7.47 1.65 18.63
CA SER B 188 6.63 0.49 18.29
C SER B 188 6.48 0.35 16.79
N GLY B 189 6.73 1.44 16.05
CA GLY B 189 6.86 1.42 14.58
C GLY B 189 5.65 1.96 13.87
N VAL B 190 5.77 2.09 12.54
CA VAL B 190 4.74 2.66 11.64
C VAL B 190 4.73 1.86 10.34
N PHE B 191 3.71 2.05 9.53
CA PHE B 191 3.65 1.56 8.14
C PHE B 191 4.29 2.59 7.24
N HIS B 192 5.18 2.15 6.34
CA HIS B 192 5.61 2.96 5.17
C HIS B 192 4.37 3.20 4.32
N PRO B 193 4.12 4.44 3.85
CA PRO B 193 2.97 4.70 2.98
C PRO B 193 2.97 3.92 1.65
N ASN B 194 4.08 3.23 1.30
CA ASN B 194 4.20 2.42 0.06
C ASN B 194 3.44 1.10 0.24
N GLY B 195 3.07 0.76 1.48
CA GLY B 195 2.24 -0.42 1.78
C GLY B 195 3.06 -1.70 1.90
N LEU B 196 4.37 -1.65 1.63
CA LEU B 196 5.21 -2.87 1.45
C LEU B 196 6.09 -3.12 2.67
N GLU B 197 6.26 -2.14 3.54
CA GLU B 197 7.33 -2.16 4.57
C GLU B 197 6.76 -1.68 5.90
N VAL B 198 7.34 -2.19 6.96
CA VAL B 198 7.05 -1.81 8.36
C VAL B 198 8.35 -1.25 8.92
N ILE B 199 8.29 -0.05 9.46
CA ILE B 199 9.45 0.71 10.01
C ILE B 199 9.32 0.67 11.54
N ILE B 200 10.16 -0.10 12.20
CA ILE B 200 10.14 -0.18 13.69
C ILE B 200 11.49 0.24 14.20
N ASN B 201 11.60 1.49 14.64
CA ASN B 201 12.87 2.09 15.10
C ASN B 201 13.88 1.97 13.94
N THR B 202 14.97 1.22 14.12
CA THR B 202 16.07 1.10 13.12
C THR B 202 15.76 -0.01 12.12
N GLU B 203 14.76 -0.85 12.37
CA GLU B 203 14.50 -2.09 11.57
C GLU B 203 13.44 -1.81 10.49
N ILE B 204 13.74 -2.17 9.24
CA ILE B 204 12.75 -2.12 8.13
C ILE B 204 12.38 -3.56 7.82
N TRP B 205 11.12 -3.94 8.05
CA TRP B 205 10.59 -5.30 7.82
C TRP B 205 9.80 -5.33 6.54
N ASP B 206 9.93 -6.42 5.77
CA ASP B 206 9.01 -6.75 4.68
C ASP B 206 7.64 -7.07 5.31
N LEU B 207 6.60 -6.38 4.90
CA LEU B 207 5.24 -6.56 5.47
C LEU B 207 4.72 -7.98 5.13
N ARG B 208 5.04 -8.49 3.95
CA ARG B 208 4.42 -9.72 3.39
C ARG B 208 5.16 -10.97 3.92
N THR B 209 6.50 -10.94 3.93
CA THR B 209 7.37 -12.10 4.34
C THR B 209 7.87 -11.93 5.77
N PHE B 210 7.85 -10.71 6.31
CA PHE B 210 8.32 -10.38 7.69
C PHE B 210 9.84 -10.45 7.80
N HIS B 211 10.55 -10.56 6.68
CA HIS B 211 12.04 -10.59 6.66
C HIS B 211 12.56 -9.17 6.90
N LEU B 212 13.71 -9.07 7.55
CA LEU B 212 14.45 -7.79 7.68
C LEU B 212 14.96 -7.40 6.29
N LEU B 213 14.65 -6.19 5.85
CA LEU B 213 15.06 -5.62 4.55
C LEU B 213 16.25 -4.68 4.76
N HIS B 214 16.20 -3.83 5.78
CA HIS B 214 17.24 -2.80 6.07
C HIS B 214 17.39 -2.59 7.57
N THR B 215 18.52 -2.03 7.98
CA THR B 215 18.72 -1.39 9.29
C THR B 215 19.14 0.05 9.04
N VAL B 216 18.45 1.00 9.66
CA VAL B 216 18.68 2.47 9.47
C VAL B 216 19.00 3.06 10.82
N PRO B 217 20.30 3.17 11.20
CA PRO B 217 20.70 3.66 12.52
C PRO B 217 20.22 5.08 12.83
N ALA B 218 20.14 5.94 11.80
CA ALA B 218 19.72 7.35 11.93
C ALA B 218 18.29 7.43 12.50
N LEU B 219 17.49 6.37 12.37
CA LEU B 219 16.06 6.36 12.76
C LEU B 219 15.91 5.99 14.23
N ASP B 220 17.00 5.68 14.94
CA ASP B 220 16.94 5.25 16.36
C ASP B 220 16.18 6.31 17.18
N GLN B 221 15.10 5.89 17.85
CA GLN B 221 14.28 6.72 18.77
C GLN B 221 13.64 7.89 18.01
N CYS B 222 13.35 7.71 16.73
CA CYS B 222 12.67 8.72 15.90
C CYS B 222 11.18 8.40 15.80
N ARG B 223 10.38 9.42 16.02
CA ARG B 223 9.03 9.54 15.41
C ARG B 223 9.25 10.01 13.98
N VAL B 224 8.53 9.42 13.04
CA VAL B 224 8.66 9.71 11.60
C VAL B 224 7.30 10.16 11.10
N VAL B 225 7.31 11.08 10.17
CA VAL B 225 6.12 11.42 9.35
C VAL B 225 6.64 11.60 7.93
N PHE B 226 5.79 11.30 6.96
CA PHE B 226 6.13 11.35 5.52
C PHE B 226 5.56 12.66 4.96
N ASN B 227 6.09 13.09 3.81
CA ASN B 227 5.43 14.07 2.90
C ASN B 227 4.27 13.37 2.21
N HIS B 228 3.30 14.12 1.68
CA HIS B 228 2.00 13.59 1.20
C HIS B 228 2.18 12.73 -0.06
N THR B 229 3.30 12.88 -0.79
CA THR B 229 3.67 11.99 -1.93
C THR B 229 4.36 10.71 -1.43
N GLY B 230 4.81 10.70 -0.17
CA GLY B 230 5.54 9.56 0.43
C GLY B 230 6.88 9.33 -0.24
N THR B 231 7.58 10.40 -0.62
CA THR B 231 8.94 10.38 -1.22
C THR B 231 9.98 10.82 -0.19
N VAL B 232 9.56 11.60 0.81
CA VAL B 232 10.44 12.15 1.87
C VAL B 232 9.88 11.74 3.23
N MET B 233 10.75 11.19 4.09
CA MET B 233 10.49 10.83 5.50
C MET B 233 11.24 11.83 6.39
N TYR B 234 10.55 12.44 7.34
CA TYR B 234 11.13 13.29 8.40
C TYR B 234 11.18 12.47 9.68
N GLY B 235 12.32 12.46 10.33
CA GLY B 235 12.51 11.87 11.66
C GLY B 235 13.07 12.89 12.61
N ALA B 236 12.50 12.97 13.81
CA ALA B 236 13.07 13.71 14.94
C ALA B 236 13.24 12.73 16.08
N MET B 237 14.42 12.72 16.69
CA MET B 237 14.79 11.77 17.75
C MET B 237 14.20 12.28 19.08
N LEU B 238 13.56 11.40 19.84
CA LEU B 238 12.95 11.72 21.16
C LEU B 238 14.05 12.14 22.12
N GLN B 239 13.73 13.02 23.07
CA GLN B 239 14.65 13.43 24.17
C GLN B 239 15.13 12.17 24.91
N ALA B 240 16.40 12.16 25.33
CA ALA B 240 16.99 11.19 26.28
C ALA B 240 16.25 11.28 27.63
N LYS B 252 10.01 18.80 30.03
CA LYS B 252 10.99 18.53 28.94
C LYS B 252 10.26 18.56 27.59
N SER B 253 11.01 18.62 26.49
CA SER B 253 10.49 18.50 25.10
C SER B 253 10.44 17.03 24.71
N PRO B 254 9.46 16.60 23.90
CA PRO B 254 9.46 15.23 23.38
C PRO B 254 10.70 14.95 22.51
N PHE B 255 11.17 15.93 21.74
CA PHE B 255 12.30 15.76 20.79
C PHE B 255 13.50 16.61 21.21
N GLY B 256 14.69 16.25 20.70
CA GLY B 256 15.91 17.07 20.73
C GLY B 256 15.84 18.23 19.76
N SER B 257 16.99 18.76 19.33
CA SER B 257 17.12 20.08 18.65
C SER B 257 17.28 19.93 17.14
N SER B 258 17.21 18.71 16.61
CA SER B 258 17.41 18.45 15.16
C SER B 258 16.35 17.48 14.63
N PHE B 259 15.97 17.66 13.37
CA PHE B 259 15.22 16.65 12.59
C PHE B 259 16.05 16.32 11.35
N ARG B 260 15.76 15.18 10.75
CA ARG B 260 16.50 14.62 9.60
C ARG B 260 15.47 14.22 8.55
N THR B 261 15.81 14.41 7.28
CA THR B 261 14.98 13.96 6.14
C THR B 261 15.68 12.76 5.52
N PHE B 262 14.89 11.81 5.04
CA PHE B 262 15.35 10.57 4.39
C PHE B 262 14.62 10.44 3.07
N ASN B 263 15.31 9.92 2.07
CA ASN B 263 14.69 9.37 0.85
C ASN B 263 13.83 8.18 1.28
N ALA B 264 12.51 8.28 1.08
CA ALA B 264 11.53 7.27 1.54
C ALA B 264 11.66 5.98 0.72
N THR B 265 12.34 6.01 -0.42
CA THR B 265 12.51 4.83 -1.31
C THR B 265 13.67 3.95 -0.81
N ASP B 266 14.78 4.55 -0.38
CA ASP B 266 16.03 3.80 -0.07
C ASP B 266 16.50 4.06 1.36
N TYR B 267 15.84 4.94 2.11
CA TYR B 267 16.12 5.26 3.54
C TYR B 267 17.47 5.97 3.69
N LYS B 268 17.99 6.56 2.62
CA LYS B 268 19.27 7.32 2.67
C LYS B 268 18.97 8.73 3.17
N PRO B 269 19.70 9.20 4.20
CA PRO B 269 19.55 10.57 4.69
C PRO B 269 19.65 11.59 3.54
N ILE B 270 18.83 12.64 3.57
CA ILE B 270 18.91 13.80 2.63
C ILE B 270 19.58 14.97 3.36
N ALA B 271 19.06 15.40 4.52
CA ALA B 271 19.61 16.52 5.32
C ALA B 271 19.42 16.29 6.83
N THR B 272 20.34 16.81 7.64
CA THR B 272 20.15 17.05 9.08
C THR B 272 19.94 18.56 9.26
N ILE B 273 18.86 18.97 9.93
CA ILE B 273 18.57 20.38 10.30
C ILE B 273 18.66 20.51 11.81
N ASP B 274 19.68 21.20 12.31
CA ASP B 274 19.85 21.53 13.75
C ASP B 274 19.46 22.99 13.95
N VAL B 275 18.24 23.23 14.44
CA VAL B 275 17.66 24.59 14.69
C VAL B 275 18.19 25.13 16.02
N LYS B 276 19.04 24.36 16.72
CA LYS B 276 19.70 24.74 17.99
C LYS B 276 18.64 25.10 19.03
N ARG B 277 17.46 24.48 18.93
CA ARG B 277 16.31 24.69 19.85
C ARG B 277 15.54 23.37 19.95
N ASN B 278 15.16 22.95 21.15
CA ASN B 278 14.39 21.70 21.38
C ASN B 278 13.09 21.76 20.58
N ILE B 279 12.77 20.66 19.89
CA ILE B 279 11.58 20.50 19.02
C ILE B 279 10.47 19.78 19.82
N PHE B 280 9.25 20.28 19.70
CA PHE B 280 8.04 19.71 20.36
C PHE B 280 7.26 18.91 19.33
N ASP B 281 7.25 19.37 18.08
CA ASP B 281 6.42 18.77 17.01
C ASP B 281 6.82 19.37 15.68
N LEU B 282 6.48 18.68 14.61
CA LEU B 282 6.50 19.29 13.26
C LEU B 282 5.33 18.72 12.46
N CYS B 283 4.84 19.50 11.51
CA CYS B 283 3.78 19.12 10.56
C CYS B 283 4.07 19.78 9.21
N THR B 284 3.44 19.30 8.15
CA THR B 284 3.54 19.90 6.79
C THR B 284 2.15 20.03 6.20
N ASP B 285 1.96 21.04 5.35
CA ASP B 285 0.73 21.28 4.54
C ASP B 285 0.62 20.18 3.48
N THR B 286 -0.59 19.98 2.95
CA THR B 286 -0.96 18.96 1.94
C THR B 286 -0.05 19.06 0.70
N LYS B 287 0.45 20.25 0.38
CA LYS B 287 1.21 20.55 -0.87
C LYS B 287 2.72 20.39 -0.64
N ASP B 288 3.15 20.21 0.62
CA ASP B 288 4.58 20.02 1.03
C ASP B 288 5.41 21.26 0.66
N CYS B 289 4.79 22.45 0.69
CA CYS B 289 5.43 23.76 0.41
C CYS B 289 5.90 24.39 1.73
N TYR B 290 5.22 24.03 2.83
CA TYR B 290 5.47 24.57 4.20
C TYR B 290 5.75 23.43 5.17
N LEU B 291 6.60 23.71 6.14
CA LEU B 291 6.85 22.87 7.33
C LEU B 291 6.73 23.79 8.54
N ALA B 292 5.95 23.38 9.53
CA ALA B 292 5.85 24.09 10.83
C ALA B 292 6.58 23.25 11.88
N VAL B 293 7.37 23.91 12.72
CA VAL B 293 8.13 23.24 13.80
C VAL B 293 7.88 24.02 15.09
N ILE B 294 7.50 23.33 16.15
CA ILE B 294 7.34 23.96 17.49
C ILE B 294 8.72 23.90 18.15
N GLU B 295 9.30 25.06 18.47
CA GLU B 295 10.72 25.19 18.93
C GLU B 295 10.76 25.97 20.24
N ASN B 296 11.50 25.47 21.22
CA ASN B 296 11.71 26.16 22.53
C ASN B 296 12.80 27.23 22.36
N GLN B 297 12.50 28.46 22.78
CA GLN B 297 13.45 29.62 22.77
C GLN B 297 13.89 29.95 24.20
N MET B 305 9.84 26.28 28.01
CA MET B 305 9.28 27.48 28.69
C MET B 305 8.61 28.41 27.66
N ASP B 306 9.28 28.66 26.52
CA ASP B 306 8.83 29.63 25.46
C ASP B 306 8.84 28.93 24.10
N THR B 307 7.79 28.15 23.83
CA THR B 307 7.66 27.30 22.61
C THR B 307 6.83 28.05 21.57
N VAL B 308 7.49 28.52 20.53
CA VAL B 308 6.85 29.24 19.38
C VAL B 308 6.72 28.26 18.22
N CYS B 309 5.98 28.64 17.18
CA CYS B 309 5.83 27.86 15.94
C CYS B 309 6.51 28.61 14.80
N ARG B 310 7.62 28.07 14.31
CA ARG B 310 8.41 28.66 13.21
C ARG B 310 7.99 27.98 11.91
N LEU B 311 7.59 28.77 10.92
CA LEU B 311 7.15 28.30 9.58
C LEU B 311 8.35 28.37 8.63
N TYR B 312 8.59 27.29 7.92
CA TYR B 312 9.74 27.06 7.02
C TYR B 312 9.23 26.83 5.60
N GLU B 313 9.88 27.46 4.62
CA GLU B 313 9.78 27.13 3.18
C GLU B 313 10.56 25.84 2.94
N VAL B 314 9.92 24.80 2.41
CA VAL B 314 10.56 23.46 2.18
C VAL B 314 11.55 23.59 1.01
N1 N6O C . -5.31 -11.58 -15.46
C7 N6O C . -8.84 -11.54 -13.19
C8 N6O C . -7.65 -11.42 -13.89
N2 N6O C . -6.64 -12.00 -19.42
C9 N6O C . -5.34 -12.75 -16.13
O1 N6O C . -2.34 -11.10 -13.80
C1 N6O C . -4.55 -10.25 -13.57
C5 N6O C . -7.69 -12.45 -11.33
C6 N6O C . -8.88 -12.04 -11.92
N3 N6O C . -6.22 -13.26 -19.68
C4 N6O C . -6.50 -12.35 -12.02
C3 N6O C . -6.47 -11.81 -13.30
C2 N6O C . -5.15 -11.57 -14.01
C N6O C . -3.11 -10.17 -14.03
N N6O C . -2.79 -9.12 -14.76
CL N6O C . -10.31 -11.02 -13.94
O N6O C . -5.07 -13.83 -15.61
C10 N6O C . -5.77 -12.67 -17.53
C12 N6O C . -5.69 -13.68 -18.53
C11 N6O C . -6.39 -11.62 -18.17
C13 N6O C . -5.21 -15.07 -18.39
C18 N6O C . -3.90 -15.38 -18.05
F N6O C . -3.01 -14.38 -17.90
C17 N6O C . -3.47 -16.66 -17.86
C16 N6O C . -4.36 -17.70 -18.04
C15 N6O C . -5.67 -17.44 -18.41
C14 N6O C . -6.09 -16.13 -18.60
N1 N6O D . 4.59 14.19 16.13
C7 N6O D . 8.43 15.18 14.66
C8 N6O D . 7.13 14.97 15.04
N2 N6O D . 4.69 15.57 20.13
C9 N6O D . 4.86 13.43 17.20
O1 N6O D . 2.25 12.98 13.63
C1 N6O D . 4.06 14.54 13.76
C5 N6O D . 8.35 13.35 13.16
C6 N6O D . 9.06 14.39 13.73
N3 N6O D . 4.76 14.37 20.78
C4 N6O D . 7.03 13.12 13.53
C3 N6O D . 6.40 13.94 14.46
C2 N6O D . 4.93 13.77 14.77
C N6O D . 2.61 14.14 13.85
N N6O D . 1.75 15.10 14.19
CL N6O D . 9.29 16.55 15.33
O N6O D . 5.19 12.25 17.12
C10 N6O D . 4.75 14.09 18.52
C12 N6O D . 4.79 13.47 19.79
C11 N6O D . 4.68 15.44 18.80
C13 N6O D . 4.84 12.03 20.10
C18 N6O D . 3.84 11.13 19.71
F N6O D . 2.78 11.60 19.01
C17 N6O D . 3.91 9.78 19.95
C16 N6O D . 5.01 9.28 20.61
C15 N6O D . 6.02 10.13 21.04
C14 N6O D . 5.94 11.50 20.78
UNK UNX E . -7.85 24.22 28.60
#